data_6EP6
#
_entry.id   6EP6
#
_cell.length_a   88.597
_cell.length_b   50.449
_cell.length_c   113.702
_cell.angle_alpha   90.00
_cell.angle_beta   108.66
_cell.angle_gamma   90.00
#
_symmetry.space_group_name_H-M   'C 1 2 1'
#
loop_
_entity.id
_entity.type
_entity.pdbx_description
1 polymer 'Glutathione S-transferase U23'
2 non-polymer 'MAGNESIUM ION'
3 non-polymer GLYCEROL
4 water water
#
_entity_poly.entity_id   1
_entity_poly.type   'polypeptide(L)'
_entity_poly.pdbx_seq_one_letter_code
;MEEEIILLDYWASMYGMRTRIALEEKKVKYEYREEDLSNKSPLLLQMNPIHKKIPVLIHEGKPICESIIQVQYIDELWPD
TNPILPSDPYQRAQARFWADYIDKKTYVPCKALWSESGEKQEAAKIEFIEVLKTLDSELGDKYYFGGNEFGLVDIAFIGF
YSWFRTYEEVANLSIVLEFPKLMAWAQRCLKRESVAKALPDSDKVLKSVSDHRKIILGID
;
_entity_poly.pdbx_strand_id   A,B
#
loop_
_chem_comp.id
_chem_comp.type
_chem_comp.name
_chem_comp.formula
GOL non-polymer GLYCEROL 'C3 H8 O3'
MG non-polymer 'MAGNESIUM ION' 'Mg 2'
#
# COMPACT_ATOMS: atom_id res chain seq x y z
N GLU A 4 22.96 15.08 -4.39
CA GLU A 4 23.45 13.74 -4.06
C GLU A 4 22.29 12.76 -3.97
N ILE A 5 22.33 11.72 -4.81
CA ILE A 5 21.35 10.65 -4.79
C ILE A 5 22.06 9.30 -4.67
N ILE A 6 21.73 8.58 -3.61
CA ILE A 6 22.21 7.23 -3.38
C ILE A 6 21.04 6.27 -3.40
N LEU A 7 21.20 5.14 -4.09
CA LEU A 7 20.20 4.08 -4.06
C LEU A 7 20.82 2.82 -3.49
N LEU A 8 20.29 2.35 -2.36
CA LEU A 8 20.73 1.09 -1.79
C LEU A 8 19.81 0.03 -2.34
N ASP A 9 20.35 -0.98 -3.00
CA ASP A 9 19.48 -1.88 -3.77
C ASP A 9 20.11 -3.25 -3.89
N TYR A 10 19.34 -4.18 -4.43
CA TYR A 10 19.80 -5.53 -4.70
C TYR A 10 19.49 -5.80 -6.17
N TRP A 11 20.49 -6.26 -6.90
CA TRP A 11 20.42 -6.34 -8.37
C TRP A 11 19.19 -7.08 -8.89
N ALA A 12 18.78 -8.15 -8.22
CA ALA A 12 17.67 -8.96 -8.76
C ALA A 12 16.31 -8.54 -8.17
N SER A 13 16.30 -7.53 -7.31
CA SER A 13 15.01 -7.09 -6.75
C SER A 13 14.13 -6.42 -7.79
N MET A 14 12.96 -6.98 -8.10
CA MET A 14 12.08 -6.32 -9.06
C MET A 14 11.51 -5.01 -8.50
N TYR A 15 11.56 -4.86 -7.17
CA TYR A 15 11.08 -3.64 -6.53
C TYR A 15 12.12 -2.56 -6.66
N GLY A 16 13.38 -2.92 -6.41
CA GLY A 16 14.47 -2.01 -6.67
C GLY A 16 14.56 -1.59 -8.13
N MET A 17 14.26 -2.50 -9.05
CA MET A 17 14.29 -2.15 -10.46
C MET A 17 13.37 -0.99 -10.76
N ARG A 18 12.27 -0.89 -10.02
CA ARG A 18 11.32 0.19 -10.26
C ARG A 18 11.98 1.56 -10.09
N THR A 19 12.75 1.67 -9.01
CA THR A 19 13.37 2.94 -8.69
C THR A 19 14.54 3.24 -9.64
N ARG A 20 15.32 2.22 -10.01
CA ARG A 20 16.30 2.34 -11.07
C ARG A 20 15.70 2.88 -12.36
N ILE A 21 14.53 2.34 -12.74
CA ILE A 21 13.90 2.77 -13.96
C ILE A 21 13.45 4.23 -13.87
N ALA A 22 12.84 4.61 -12.74
CA ALA A 22 12.38 5.98 -12.55
C ALA A 22 13.53 6.97 -12.63
N LEU A 23 14.64 6.64 -11.98
CA LEU A 23 15.80 7.52 -12.01
C LEU A 23 16.33 7.75 -13.42
N GLU A 24 16.41 6.67 -14.19
CA GLU A 24 16.89 6.74 -15.55
C GLU A 24 15.88 7.44 -16.47
N GLU A 25 14.60 7.28 -16.20
CA GLU A 25 13.59 8.01 -16.96
C GLU A 25 13.78 9.52 -16.82
N LYS A 26 14.23 9.95 -15.64
CA LYS A 26 14.47 11.37 -15.37
C LYS A 26 15.89 11.81 -15.71
N LYS A 27 16.72 10.84 -16.09
CA LYS A 27 18.11 11.10 -16.49
C LYS A 27 18.89 11.76 -15.37
N VAL A 28 18.62 11.37 -14.13
CA VAL A 28 19.40 11.94 -13.03
C VAL A 28 20.57 11.02 -12.68
N LYS A 29 21.69 11.63 -12.33
CA LYS A 29 22.88 10.88 -11.92
C LYS A 29 22.74 10.46 -10.47
N TYR A 30 23.08 9.22 -10.18
CA TYR A 30 22.99 8.72 -8.82
C TYR A 30 24.03 7.66 -8.56
N GLU A 31 24.28 7.38 -7.29
CA GLU A 31 25.19 6.32 -6.92
C GLU A 31 24.40 5.08 -6.53
N TYR A 32 24.67 3.98 -7.22
CA TYR A 32 24.06 2.70 -6.90
C TYR A 32 24.96 1.94 -5.95
N ARG A 33 24.40 1.47 -4.84
CA ARG A 33 25.15 0.65 -3.90
C ARG A 33 24.50 -0.70 -3.71
N GLU A 34 25.23 -1.76 -4.02
CA GLU A 34 24.72 -3.12 -3.90
C GLU A 34 24.72 -3.57 -2.44
N GLU A 35 23.57 -3.99 -1.93
CA GLU A 35 23.48 -4.49 -0.56
C GLU A 35 23.62 -6.01 -0.53
N ASP A 36 24.35 -6.49 0.47
CA ASP A 36 24.42 -7.91 0.77
C ASP A 36 23.26 -8.23 1.69
N LEU A 37 22.28 -8.99 1.19
CA LEU A 37 21.06 -9.24 1.95
C LEU A 37 21.28 -9.98 3.26
N SER A 38 22.40 -10.68 3.38
CA SER A 38 22.70 -11.42 4.59
C SER A 38 23.57 -10.60 5.56
N ASN A 39 23.94 -9.40 5.14
CA ASN A 39 24.79 -8.53 5.97
C ASN A 39 24.48 -7.07 5.67
N LYS A 40 23.34 -6.61 6.18
CA LYS A 40 22.84 -5.27 5.88
C LYS A 40 23.82 -4.21 6.35
N SER A 41 24.05 -3.22 5.51
CA SER A 41 24.98 -2.15 5.86
C SER A 41 24.41 -1.32 6.99
N PRO A 42 25.30 -0.68 7.78
CA PRO A 42 24.87 0.26 8.80
C PRO A 42 24.03 1.39 8.19
N LEU A 43 24.31 1.75 6.96
CA LEU A 43 23.58 2.83 6.31
C LEU A 43 22.14 2.41 6.03
N LEU A 44 21.94 1.17 5.59
CA LEU A 44 20.59 0.65 5.34
C LEU A 44 19.78 0.60 6.64
N LEU A 45 20.40 0.12 7.70
CA LEU A 45 19.71 0.05 9.00
C LEU A 45 19.40 1.44 9.55
N GLN A 46 20.32 2.39 9.35
CA GLN A 46 20.08 3.77 9.77
C GLN A 46 18.95 4.44 8.99
N MET A 47 18.89 4.16 7.69
CA MET A 47 17.98 4.88 6.80
C MET A 47 16.59 4.26 6.72
N ASN A 48 16.50 2.94 6.91
CA ASN A 48 15.21 2.24 6.92
C ASN A 48 15.08 1.45 8.21
N PRO A 49 15.02 2.16 9.36
CA PRO A 49 14.96 1.46 10.64
C PRO A 49 13.65 0.70 10.82
N ILE A 50 12.60 1.11 10.14
CA ILE A 50 11.31 0.47 10.35
C ILE A 50 11.22 -0.90 9.65
N HIS A 51 11.60 -0.97 8.37
CA HIS A 51 11.45 -2.19 7.60
C HIS A 51 12.77 -2.92 7.34
N LYS A 52 13.87 -2.18 7.37
CA LYS A 52 15.22 -2.73 7.16
C LYS A 52 15.35 -3.50 5.85
N LYS A 53 14.69 -3.00 4.81
CA LYS A 53 14.73 -3.66 3.50
C LYS A 53 15.20 -2.68 2.42
N ILE A 54 15.67 -3.25 1.32
CA ILE A 54 15.93 -2.47 0.11
C ILE A 54 14.65 -2.42 -0.73
N PRO A 55 14.55 -1.48 -1.68
CA PRO A 55 15.45 -0.37 -2.01
C PRO A 55 15.28 0.80 -1.06
N VAL A 56 16.37 1.51 -0.80
CA VAL A 56 16.29 2.75 -0.06
C VAL A 56 16.88 3.85 -0.91
N LEU A 57 16.12 4.91 -1.11
CA LEU A 57 16.58 6.06 -1.87
C LEU A 57 17.00 7.14 -0.90
N ILE A 58 18.23 7.61 -1.01
CA ILE A 58 18.74 8.67 -0.14
C ILE A 58 19.00 9.91 -0.96
N HIS A 59 18.31 10.98 -0.65
CA HIS A 59 18.44 12.21 -1.40
C HIS A 59 18.88 13.33 -0.47
N GLU A 60 20.10 13.83 -0.69
CA GLU A 60 20.70 14.83 0.19
C GLU A 60 20.66 14.38 1.64
N GLY A 61 20.96 13.10 1.86
CA GLY A 61 21.06 12.55 3.20
C GLY A 61 19.75 12.17 3.85
N LYS A 62 18.64 12.35 3.13
CA LYS A 62 17.32 12.03 3.66
C LYS A 62 16.74 10.81 2.94
N PRO A 63 16.26 9.83 3.72
CA PRO A 63 15.74 8.57 3.17
C PRO A 63 14.30 8.65 2.64
N ILE A 64 14.08 7.99 1.52
CA ILE A 64 12.71 7.71 1.04
C ILE A 64 12.60 6.20 0.89
N CYS A 65 11.65 5.60 1.61
CA CYS A 65 11.48 4.15 1.59
C CYS A 65 10.21 3.76 0.86
N GLU A 66 10.17 2.50 0.39
CA GLU A 66 9.07 1.88 -0.38
C GLU A 66 9.10 2.27 -1.85
N SER A 67 9.22 1.27 -2.72
CA SER A 67 9.55 1.52 -4.11
C SER A 67 8.49 2.37 -4.83
N ILE A 68 7.19 2.12 -4.60
CA ILE A 68 6.20 2.94 -5.34
C ILE A 68 6.19 4.38 -4.83
N ILE A 69 6.46 4.57 -3.55
CA ILE A 69 6.60 5.92 -3.01
C ILE A 69 7.85 6.61 -3.58
N GLN A 70 8.94 5.86 -3.76
CA GLN A 70 10.15 6.41 -4.40
C GLN A 70 9.89 6.87 -5.83
N VAL A 71 9.18 6.05 -6.59
CA VAL A 71 8.88 6.42 -7.96
C VAL A 71 8.02 7.69 -7.99
N GLN A 72 7.01 7.78 -7.11
CA GLN A 72 6.20 8.99 -7.09
C GLN A 72 7.01 10.20 -6.69
N TYR A 73 7.91 10.03 -5.73
CA TYR A 73 8.78 11.10 -5.30
C TYR A 73 9.62 11.64 -6.46
N ILE A 74 10.23 10.70 -7.18
CA ILE A 74 11.05 11.00 -8.34
C ILE A 74 10.24 11.72 -9.40
N ASP A 75 9.02 11.24 -9.63
CA ASP A 75 8.15 11.89 -10.61
C ASP A 75 7.77 13.30 -10.18
N GLU A 76 7.58 13.51 -8.87
CA GLU A 76 7.21 14.82 -8.37
C GLU A 76 8.37 15.81 -8.36
N LEU A 77 9.59 15.30 -8.23
CA LEU A 77 10.77 16.17 -8.29
C LEU A 77 11.08 16.62 -9.70
N TRP A 78 10.87 15.72 -10.67
CA TRP A 78 11.15 16.02 -12.07
C TRP A 78 9.96 15.65 -12.95
N PRO A 79 8.85 16.38 -12.81
CA PRO A 79 7.62 15.97 -13.48
C PRO A 79 7.58 16.24 -14.97
N ASP A 80 8.44 17.12 -15.48
CA ASP A 80 8.32 17.54 -16.86
C ASP A 80 9.17 16.70 -17.81
N THR A 81 9.97 15.82 -17.26
CA THR A 81 10.81 14.92 -18.05
C THR A 81 10.27 13.51 -17.94
N ASN A 82 9.79 12.96 -19.05
CA ASN A 82 9.18 11.63 -19.05
C ASN A 82 8.21 11.39 -17.89
N PRO A 83 7.10 12.14 -17.86
CA PRO A 83 6.11 12.01 -16.78
C PRO A 83 5.69 10.56 -16.60
N ILE A 84 5.66 10.09 -15.37
CA ILE A 84 5.34 8.71 -15.07
C ILE A 84 3.87 8.55 -14.74
N LEU A 85 3.38 9.34 -13.80
CA LEU A 85 1.95 9.28 -13.43
C LEU A 85 1.09 10.09 -14.40
N PRO A 86 -0.20 9.69 -14.55
CA PRO A 86 -1.11 10.49 -15.37
C PRO A 86 -1.39 11.87 -14.74
N SER A 87 -1.77 12.84 -15.55
CA SER A 87 -2.08 14.19 -15.05
C SER A 87 -3.52 14.26 -14.53
N ASP A 88 -4.37 13.38 -15.03
CA ASP A 88 -5.78 13.34 -14.59
C ASP A 88 -5.90 12.63 -13.22
N PRO A 89 -6.54 13.29 -12.24
CA PRO A 89 -6.66 12.67 -10.92
C PRO A 89 -7.34 11.28 -10.94
N TYR A 90 -8.40 11.10 -11.73
CA TYR A 90 -9.03 9.78 -11.76
C TYR A 90 -8.08 8.72 -12.33
N GLN A 91 -7.41 9.05 -13.44
CA GLN A 91 -6.46 8.12 -14.04
C GLN A 91 -5.29 7.84 -13.09
N ARG A 92 -4.93 8.84 -12.30
CA ARG A 92 -3.86 8.68 -11.32
C ARG A 92 -4.29 7.70 -10.22
N ALA A 93 -5.54 7.79 -9.79
CA ALA A 93 -6.08 6.86 -8.81
C ALA A 93 -6.09 5.43 -9.35
N GLN A 94 -6.42 5.25 -10.61
CA GLN A 94 -6.41 3.90 -11.16
C GLN A 94 -4.99 3.34 -11.28
N ALA A 95 -4.04 4.18 -11.67
CA ALA A 95 -2.63 3.76 -11.71
C ALA A 95 -2.15 3.32 -10.33
N ARG A 96 -2.46 4.13 -9.30
CA ARG A 96 -2.10 3.78 -7.93
C ARG A 96 -2.77 2.49 -7.51
N PHE A 97 -4.04 2.30 -7.89
CA PHE A 97 -4.73 1.07 -7.55
C PHE A 97 -4.01 -0.18 -8.06
N TRP A 98 -3.61 -0.17 -9.34
CA TRP A 98 -2.99 -1.34 -9.93
C TRP A 98 -1.55 -1.57 -9.41
N ALA A 99 -0.85 -0.49 -9.10
CA ALA A 99 0.44 -0.64 -8.46
C ALA A 99 0.24 -1.26 -7.06
N ASP A 100 -0.78 -0.81 -6.33
CA ASP A 100 -1.11 -1.40 -5.04
C ASP A 100 -1.51 -2.87 -5.17
N TYR A 101 -2.29 -3.18 -6.20
CA TYR A 101 -2.69 -4.56 -6.42
C TYR A 101 -1.45 -5.44 -6.60
N ILE A 102 -0.53 -4.97 -7.42
CA ILE A 102 0.69 -5.75 -7.67
C ILE A 102 1.47 -5.99 -6.38
N ASP A 103 1.68 -4.93 -5.60
CA ASP A 103 2.41 -5.06 -4.32
C ASP A 103 1.72 -6.06 -3.39
N LYS A 104 0.41 -5.93 -3.21
CA LYS A 104 -0.32 -6.76 -2.27
C LYS A 104 -0.30 -8.24 -2.65
N LYS A 105 -0.45 -8.50 -3.94
CA LYS A 105 -0.63 -9.87 -4.39
C LYS A 105 0.70 -10.58 -4.65
N THR A 106 1.79 -9.84 -4.77
CA THR A 106 3.06 -10.47 -5.13
C THR A 106 4.08 -10.55 -4.02
N TYR A 107 4.05 -9.61 -3.09
CA TYR A 107 5.21 -9.46 -2.20
C TYR A 107 5.48 -10.75 -1.43
N VAL A 108 4.41 -11.47 -1.05
CA VAL A 108 4.59 -12.76 -0.39
C VAL A 108 4.62 -13.94 -1.37
N PRO A 109 3.59 -14.10 -2.22
CA PRO A 109 3.59 -15.34 -3.01
C PRO A 109 4.67 -15.43 -4.09
N CYS A 110 5.54 -14.43 -4.24
CA CYS A 110 6.57 -14.56 -5.26
C CYS A 110 7.87 -14.91 -4.61
N LYS A 111 8.01 -14.57 -3.34
CA LYS A 111 9.13 -15.09 -2.56
C LYS A 111 8.97 -16.60 -2.44
N ALA A 112 7.73 -17.02 -2.19
CA ALA A 112 7.45 -18.44 -2.00
C ALA A 112 7.63 -19.24 -3.29
N LEU A 113 7.50 -18.56 -4.44
CA LEU A 113 7.66 -19.23 -5.73
C LEU A 113 9.02 -19.87 -5.86
N TRP A 114 10.05 -19.21 -5.32
CA TRP A 114 11.41 -19.70 -5.49
C TRP A 114 12.05 -20.19 -4.20
N SER A 115 11.58 -19.70 -3.06
CA SER A 115 12.20 -20.04 -1.78
C SER A 115 11.49 -21.18 -1.05
N GLU A 116 10.34 -21.62 -1.55
CA GLU A 116 9.61 -22.69 -0.87
C GLU A 116 9.40 -23.87 -1.79
N SER A 117 8.98 -25.00 -1.21
CA SER A 117 8.49 -26.13 -1.96
C SER A 117 7.12 -26.57 -1.43
N GLY A 118 6.64 -27.74 -1.86
CA GLY A 118 5.42 -28.29 -1.31
C GLY A 118 4.21 -27.39 -1.39
N GLU A 119 3.34 -27.48 -0.39
CA GLU A 119 2.06 -26.79 -0.42
C GLU A 119 2.21 -25.28 -0.48
N LYS A 120 3.23 -24.74 0.19
CA LYS A 120 3.46 -23.30 0.17
C LYS A 120 3.79 -22.81 -1.25
N GLN A 121 4.63 -23.56 -1.96
CA GLN A 121 4.98 -23.16 -3.32
C GLN A 121 3.79 -23.34 -4.26
N GLU A 122 3.02 -24.42 -4.07
CA GLU A 122 1.84 -24.67 -4.89
C GLU A 122 0.82 -23.54 -4.72
N ALA A 123 0.66 -23.08 -3.48
CA ALA A 123 -0.24 -21.96 -3.20
C ALA A 123 0.24 -20.69 -3.89
N ALA A 124 1.56 -20.49 -3.91
CA ALA A 124 2.14 -19.31 -4.52
C ALA A 124 1.92 -19.30 -6.02
N LYS A 125 1.99 -20.49 -6.61
CA LYS A 125 1.78 -20.71 -8.03
C LYS A 125 0.37 -20.28 -8.42
N ILE A 126 -0.61 -20.75 -7.67
CA ILE A 126 -2.01 -20.38 -7.91
C ILE A 126 -2.19 -18.86 -7.82
N GLU A 127 -1.61 -18.24 -6.81
CA GLU A 127 -1.72 -16.79 -6.65
C GLU A 127 -1.05 -16.04 -7.79
N PHE A 128 0.14 -16.46 -8.20
CA PHE A 128 0.82 -15.68 -9.21
C PHE A 128 0.15 -15.81 -10.58
N ILE A 129 -0.40 -16.99 -10.88
CA ILE A 129 -1.12 -17.18 -12.14
C ILE A 129 -2.35 -16.28 -12.15
N GLU A 130 -3.00 -16.16 -10.99
CA GLU A 130 -4.14 -15.26 -10.87
C GLU A 130 -3.73 -13.81 -11.13
N VAL A 131 -2.59 -13.38 -10.62
CA VAL A 131 -2.07 -12.06 -10.90
C VAL A 131 -1.86 -11.84 -12.39
N LEU A 132 -1.20 -12.81 -13.04
CA LEU A 132 -0.94 -12.69 -14.46
C LEU A 132 -2.23 -12.55 -15.25
N LYS A 133 -3.21 -13.40 -14.94
CA LYS A 133 -4.50 -13.34 -15.63
C LYS A 133 -5.20 -12.00 -15.42
N THR A 134 -5.14 -11.49 -14.20
CA THR A 134 -5.80 -10.26 -13.84
C THR A 134 -5.13 -9.07 -14.54
N LEU A 135 -3.80 -9.03 -14.55
CA LEU A 135 -3.08 -7.97 -15.24
C LEU A 135 -3.25 -8.05 -16.77
N ASP A 136 -3.26 -9.27 -17.31
CA ASP A 136 -3.49 -9.48 -18.73
C ASP A 136 -4.86 -8.92 -19.11
N SER A 137 -5.86 -9.15 -18.25
CA SER A 137 -7.19 -8.63 -18.53
CA SER A 137 -7.20 -8.63 -18.52
C SER A 137 -7.20 -7.10 -18.47
N GLU A 138 -6.48 -6.55 -17.48
CA GLU A 138 -6.42 -5.09 -17.31
C GLU A 138 -5.67 -4.44 -18.47
N LEU A 139 -4.57 -5.04 -18.91
CA LEU A 139 -3.85 -4.51 -20.07
C LEU A 139 -4.76 -4.46 -21.28
N GLY A 140 -5.54 -5.52 -21.46
CA GLY A 140 -6.44 -5.60 -22.59
C GLY A 140 -5.69 -5.49 -23.90
N ASP A 141 -6.17 -4.64 -24.80
CA ASP A 141 -5.53 -4.45 -26.10
C ASP A 141 -4.67 -3.19 -26.15
N LYS A 142 -4.37 -2.61 -24.98
CA LYS A 142 -3.58 -1.38 -24.94
C LYS A 142 -2.11 -1.70 -25.10
N TYR A 143 -1.33 -0.71 -25.53
CA TYR A 143 0.10 -0.92 -25.70
C TYR A 143 0.77 -1.00 -24.34
N TYR A 144 0.28 -0.19 -23.41
CA TYR A 144 0.86 -0.14 -22.07
C TYR A 144 -0.26 -0.16 -21.04
N PHE A 145 0.08 -0.53 -19.82
CA PHE A 145 -0.88 -0.39 -18.74
C PHE A 145 -1.23 1.08 -18.65
N GLY A 146 -0.32 1.96 -18.97
CA GLY A 146 -0.60 3.38 -18.94
C GLY A 146 -1.34 3.90 -20.17
N GLY A 147 -1.87 3.02 -20.98
CA GLY A 147 -2.57 3.40 -22.18
C GLY A 147 -1.64 3.46 -23.36
N ASN A 148 -1.57 4.60 -24.02
CA ASN A 148 -0.70 4.74 -25.14
C ASN A 148 0.74 5.00 -24.80
N GLU A 149 0.98 5.29 -23.54
CA GLU A 149 2.34 5.58 -23.09
C GLU A 149 2.72 4.83 -21.81
N PHE A 150 4.00 4.48 -21.74
CA PHE A 150 4.65 3.86 -20.58
C PHE A 150 4.39 4.68 -19.32
N GLY A 151 3.90 4.03 -18.27
CA GLY A 151 3.59 4.72 -17.03
C GLY A 151 3.86 3.96 -15.75
N LEU A 152 3.24 4.41 -14.67
CA LEU A 152 3.49 3.88 -13.34
C LEU A 152 3.29 2.36 -13.24
N VAL A 153 2.18 1.85 -13.78
CA VAL A 153 1.88 0.44 -13.60
C VAL A 153 2.84 -0.43 -14.41
N ASP A 154 3.24 0.08 -15.58
CA ASP A 154 4.30 -0.57 -16.37
C ASP A 154 5.59 -0.68 -15.56
N ILE A 155 6.00 0.43 -14.94
CA ILE A 155 7.17 0.42 -14.08
C ILE A 155 6.99 -0.55 -12.92
N ALA A 156 5.77 -0.61 -12.37
CA ALA A 156 5.51 -1.45 -11.20
C ALA A 156 5.63 -2.94 -11.53
N PHE A 157 5.37 -3.33 -12.79
CA PHE A 157 5.40 -4.76 -13.09
C PHE A 157 6.56 -5.25 -13.98
N ILE A 158 7.23 -4.36 -14.71
CA ILE A 158 8.15 -4.82 -15.76
C ILE A 158 9.35 -5.59 -15.19
N GLY A 159 9.79 -5.24 -13.99
CA GLY A 159 10.86 -6.01 -13.39
C GLY A 159 10.60 -7.49 -13.20
N PHE A 160 9.32 -7.87 -13.05
CA PHE A 160 8.96 -9.28 -12.91
C PHE A 160 9.30 -10.09 -14.14
N TYR A 161 9.37 -9.42 -15.29
CA TYR A 161 9.74 -10.07 -16.53
C TYR A 161 11.09 -10.79 -16.42
N SER A 162 12.05 -10.16 -15.72
CA SER A 162 13.34 -10.78 -15.59
C SER A 162 13.33 -12.05 -14.72
N TRP A 163 12.22 -12.28 -14.01
CA TRP A 163 12.05 -13.50 -13.24
C TRP A 163 11.16 -14.56 -13.87
N PHE A 164 10.54 -14.27 -15.01
CA PHE A 164 9.64 -15.25 -15.64
C PHE A 164 10.33 -16.60 -15.92
N ARG A 165 11.55 -16.57 -16.45
CA ARG A 165 12.25 -17.82 -16.71
C ARG A 165 12.49 -18.60 -15.42
N THR A 166 12.84 -17.89 -14.35
CA THR A 166 13.04 -18.52 -13.07
C THR A 166 11.77 -19.19 -12.56
N TYR A 167 10.65 -18.47 -12.61
CA TYR A 167 9.38 -19.04 -12.15
C TYR A 167 9.00 -20.27 -12.97
N GLU A 168 9.26 -20.21 -14.28
CA GLU A 168 8.99 -21.37 -15.13
C GLU A 168 9.84 -22.58 -14.75
N GLU A 169 11.10 -22.34 -14.45
CA GLU A 169 12.01 -23.44 -14.20
C GLU A 169 11.91 -24.00 -12.78
N VAL A 170 11.79 -23.13 -11.77
CA VAL A 170 11.82 -23.62 -10.38
C VAL A 170 10.43 -23.91 -9.82
N ALA A 171 9.40 -23.36 -10.44
CA ALA A 171 8.03 -23.57 -9.97
C ALA A 171 7.17 -24.28 -11.01
N ASN A 172 7.80 -24.69 -12.11
CA ASN A 172 7.13 -25.42 -13.18
C ASN A 172 5.91 -24.66 -13.70
N LEU A 173 6.04 -23.35 -13.84
CA LEU A 173 4.94 -22.54 -14.35
C LEU A 173 5.08 -22.41 -15.85
N SER A 174 3.97 -22.21 -16.54
CA SER A 174 4.05 -21.84 -17.94
C SER A 174 3.54 -20.42 -18.09
N ILE A 175 4.45 -19.53 -18.44
CA ILE A 175 4.13 -18.11 -18.52
C ILE A 175 4.27 -17.62 -19.96
N VAL A 176 5.44 -17.87 -20.54
CA VAL A 176 5.75 -17.36 -21.88
C VAL A 176 4.74 -17.81 -22.93
N LEU A 177 4.39 -19.08 -22.92
CA LEU A 177 3.47 -19.63 -23.91
C LEU A 177 2.02 -19.27 -23.59
N GLU A 178 1.74 -18.98 -22.33
CA GLU A 178 0.36 -18.77 -21.88
C GLU A 178 -0.10 -17.31 -21.90
N PHE A 179 0.85 -16.39 -21.83
CA PHE A 179 0.52 -14.97 -21.84
C PHE A 179 1.23 -14.17 -22.93
N PRO A 180 0.95 -14.47 -24.20
CA PRO A 180 1.61 -13.74 -25.31
C PRO A 180 1.39 -12.22 -25.28
N LYS A 181 0.24 -11.73 -24.81
CA LYS A 181 0.05 -10.28 -24.73
C LYS A 181 0.99 -9.60 -23.73
N LEU A 182 1.23 -10.28 -22.60
CA LEU A 182 2.17 -9.77 -21.60
C LEU A 182 3.58 -9.85 -22.16
N MET A 183 3.88 -10.89 -22.92
N MET A 183 3.88 -10.90 -22.92
CA MET A 183 5.21 -11.00 -23.52
CA MET A 183 5.18 -11.03 -23.56
C MET A 183 5.46 -9.87 -24.54
C MET A 183 5.43 -9.86 -24.51
N ALA A 184 4.45 -9.55 -25.34
CA ALA A 184 4.57 -8.47 -26.31
C ALA A 184 4.72 -7.12 -25.61
N TRP A 185 4.00 -6.96 -24.50
CA TRP A 185 4.09 -5.76 -23.67
C TRP A 185 5.50 -5.60 -23.09
N ALA A 186 6.06 -6.68 -22.57
CA ALA A 186 7.42 -6.61 -22.03
C ALA A 186 8.44 -6.22 -23.11
N GLN A 187 8.31 -6.76 -24.32
CA GLN A 187 9.23 -6.44 -25.41
C GLN A 187 9.16 -4.95 -25.77
N ARG A 188 7.95 -4.42 -25.71
CA ARG A 188 7.69 -2.98 -25.87
C ARG A 188 8.49 -2.17 -24.84
N CYS A 189 8.36 -2.54 -23.57
CA CYS A 189 9.01 -1.82 -22.47
C CYS A 189 10.51 -1.88 -22.55
N LEU A 190 11.02 -3.02 -23.01
CA LEU A 190 12.46 -3.24 -23.08
C LEU A 190 13.17 -2.31 -24.07
N LYS A 191 12.41 -1.65 -24.95
CA LYS A 191 13.01 -0.73 -25.89
C LYS A 191 13.42 0.60 -25.23
N ARG A 192 12.87 0.87 -24.05
CA ARG A 192 13.27 2.05 -23.28
C ARG A 192 14.61 1.79 -22.59
N GLU A 193 15.53 2.75 -22.69
CA GLU A 193 16.85 2.59 -22.12
C GLU A 193 16.79 2.36 -20.61
N SER A 194 15.83 3.02 -19.94
CA SER A 194 15.71 2.86 -18.50
C SER A 194 15.42 1.41 -18.13
N VAL A 195 14.50 0.79 -18.85
CA VAL A 195 14.13 -0.59 -18.60
C VAL A 195 15.25 -1.59 -18.96
N ALA A 196 15.87 -1.41 -20.13
CA ALA A 196 16.96 -2.28 -20.58
C ALA A 196 18.13 -2.25 -19.60
N LYS A 197 18.42 -1.08 -19.04
CA LYS A 197 19.49 -0.94 -18.06
C LYS A 197 19.15 -1.58 -16.71
N ALA A 198 17.88 -1.55 -16.34
CA ALA A 198 17.51 -1.97 -14.99
C ALA A 198 17.35 -3.47 -14.86
N LEU A 199 16.85 -4.10 -15.91
CA LEU A 199 16.51 -5.51 -15.83
C LEU A 199 17.73 -6.38 -16.07
N PRO A 200 18.04 -7.27 -15.11
CA PRO A 200 19.15 -8.20 -15.28
C PRO A 200 18.78 -9.32 -16.25
N ASP A 201 19.80 -10.00 -16.76
CA ASP A 201 19.61 -11.15 -17.64
C ASP A 201 18.80 -12.26 -16.95
N SER A 202 17.81 -12.79 -17.66
CA SER A 202 16.93 -13.82 -17.10
C SER A 202 17.66 -15.08 -16.63
N ASP A 203 18.71 -15.48 -17.36
CA ASP A 203 19.50 -16.64 -17.01
C ASP A 203 20.33 -16.39 -15.77
N LYS A 204 20.79 -15.15 -15.60
CA LYS A 204 21.54 -14.75 -14.42
C LYS A 204 20.66 -14.86 -13.17
N VAL A 205 19.42 -14.41 -13.27
CA VAL A 205 18.51 -14.52 -12.13
C VAL A 205 18.29 -15.99 -11.77
N LEU A 206 18.04 -16.81 -12.78
CA LEU A 206 17.83 -18.23 -12.57
C LEU A 206 19.01 -18.92 -11.88
N LYS A 207 20.22 -18.60 -12.31
CA LYS A 207 21.40 -19.22 -11.71
C LYS A 207 21.50 -18.85 -10.22
N SER A 208 21.24 -17.59 -9.92
CA SER A 208 21.33 -17.11 -8.55
C SER A 208 20.31 -17.82 -7.66
N VAL A 209 19.10 -17.94 -8.17
CA VAL A 209 18.02 -18.59 -7.44
C VAL A 209 18.26 -20.09 -7.29
N SER A 210 18.72 -20.74 -8.35
CA SER A 210 19.02 -22.17 -8.33
C SER A 210 20.06 -22.50 -7.28
N ASP A 211 21.14 -21.73 -7.26
CA ASP A 211 22.21 -21.90 -6.30
C ASP A 211 21.66 -21.74 -4.89
N HIS A 212 20.83 -20.72 -4.71
CA HIS A 212 20.23 -20.41 -3.42
C HIS A 212 19.36 -21.57 -2.93
N ARG A 213 18.54 -22.13 -3.82
CA ARG A 213 17.66 -23.25 -3.45
C ARG A 213 18.44 -24.48 -3.03
N LYS A 214 19.52 -24.76 -3.73
CA LYS A 214 20.36 -25.90 -3.37
C LYS A 214 21.03 -25.67 -2.02
N ILE A 215 21.68 -24.51 -1.88
CA ILE A 215 22.44 -24.21 -0.67
C ILE A 215 21.51 -23.83 0.47
N GLU B 4 -22.26 14.07 -8.47
CA GLU B 4 -22.74 12.91 -7.72
C GLU B 4 -21.59 12.12 -7.08
N ILE B 5 -21.62 12.03 -5.76
CA ILE B 5 -20.64 11.25 -5.03
C ILE B 5 -21.37 10.27 -4.12
N ILE B 6 -21.08 8.99 -4.31
CA ILE B 6 -21.60 7.94 -3.43
C ILE B 6 -20.44 7.23 -2.73
N LEU B 7 -20.60 6.99 -1.42
CA LEU B 7 -19.64 6.20 -0.67
C LEU B 7 -20.28 4.92 -0.14
N LEU B 8 -19.77 3.77 -0.57
CA LEU B 8 -20.25 2.49 -0.06
C LEU B 8 -19.34 2.12 1.10
N ASP B 9 -19.89 1.93 2.28
CA ASP B 9 -19.04 1.83 3.47
C ASP B 9 -19.71 1.01 4.57
N TYR B 10 -18.94 0.74 5.62
CA TYR B 10 -19.40 0.02 6.80
C TYR B 10 -19.08 0.89 8.00
N TRP B 11 -20.08 1.13 8.85
CA TRP B 11 -20.00 2.12 9.92
C TRP B 11 -18.76 1.98 10.80
N ALA B 12 -18.34 0.75 11.10
CA ALA B 12 -17.25 0.56 12.05
C ALA B 12 -15.88 0.43 11.38
N SER B 13 -15.83 0.49 10.05
CA SER B 13 -14.54 0.39 9.36
C SER B 13 -13.69 1.64 9.54
N MET B 14 -12.53 1.49 10.19
CA MET B 14 -11.64 2.63 10.37
C MET B 14 -11.02 3.04 9.02
N TYR B 15 -11.05 2.14 8.05
CA TYR B 15 -10.55 2.43 6.70
C TYR B 15 -11.57 3.29 5.96
N GLY B 16 -12.85 2.91 6.05
CA GLY B 16 -13.89 3.76 5.53
C GLY B 16 -13.99 5.13 6.18
N MET B 17 -13.71 5.18 7.49
CA MET B 17 -13.76 6.47 8.17
C MET B 17 -12.80 7.46 7.53
N ARG B 18 -11.71 6.97 6.96
CA ARG B 18 -10.75 7.88 6.36
C ARG B 18 -11.41 8.68 5.25
N THR B 19 -12.18 7.99 4.42
CA THR B 19 -12.79 8.62 3.27
C THR B 19 -13.94 9.53 3.66
N ARG B 20 -14.72 9.11 4.66
CA ARG B 20 -15.72 9.97 5.29
C ARG B 20 -15.06 11.27 5.79
N ILE B 21 -13.92 11.16 6.45
CA ILE B 21 -13.24 12.35 6.96
C ILE B 21 -12.75 13.24 5.81
N ALA B 22 -12.16 12.63 4.79
CA ALA B 22 -11.64 13.39 3.65
C ALA B 22 -12.74 14.18 2.95
N LEU B 23 -13.87 13.54 2.73
CA LEU B 23 -15.00 14.21 2.09
C LEU B 23 -15.51 15.41 2.88
N GLU B 24 -15.62 15.24 4.19
CA GLU B 24 -16.08 16.32 5.05
C GLU B 24 -15.06 17.45 5.15
N GLU B 25 -13.78 17.11 5.11
CA GLU B 25 -12.75 18.14 5.11
C GLU B 25 -12.90 19.06 3.90
N LYS B 26 -13.35 18.50 2.77
CA LYS B 26 -13.53 19.27 1.54
C LYS B 26 -14.91 19.90 1.43
N LYS B 27 -15.77 19.58 2.40
CA LYS B 27 -17.11 20.13 2.50
C LYS B 27 -17.94 19.77 1.26
N VAL B 28 -17.74 18.57 0.73
CA VAL B 28 -18.51 18.15 -0.44
C VAL B 28 -19.71 17.31 -0.02
N LYS B 29 -20.82 17.47 -0.75
CA LYS B 29 -22.03 16.72 -0.49
C LYS B 29 -21.91 15.33 -1.12
N TYR B 30 -22.29 14.30 -0.37
CA TYR B 30 -22.22 12.96 -0.90
C TYR B 30 -23.27 12.05 -0.28
N GLU B 31 -23.54 10.93 -0.94
CA GLU B 31 -24.46 9.94 -0.40
C GLU B 31 -23.69 8.81 0.26
N TYR B 32 -23.98 8.59 1.54
CA TYR B 32 -23.40 7.46 2.27
C TYR B 32 -24.36 6.29 2.18
N ARG B 33 -23.85 5.13 1.77
CA ARG B 33 -24.65 3.92 1.72
C ARG B 33 -24.02 2.84 2.57
N GLU B 34 -24.77 2.37 3.55
CA GLU B 34 -24.29 1.34 4.46
C GLU B 34 -24.40 -0.05 3.82
N GLU B 35 -23.30 -0.77 3.78
CA GLU B 35 -23.27 -2.12 3.23
C GLU B 35 -23.43 -3.18 4.33
N ASP B 36 -24.20 -4.22 4.02
CA ASP B 36 -24.27 -5.41 4.85
C ASP B 36 -23.14 -6.34 4.43
N LEU B 37 -22.15 -6.53 5.30
CA LEU B 37 -20.96 -7.30 4.93
C LEU B 37 -21.26 -8.78 4.61
N SER B 38 -22.40 -9.27 5.09
CA SER B 38 -22.78 -10.65 4.83
C SER B 38 -23.72 -10.75 3.61
N ASN B 39 -24.04 -9.60 3.04
CA ASN B 39 -24.93 -9.52 1.88
C ASN B 39 -24.53 -8.35 0.97
N LYS B 40 -23.41 -8.48 0.28
CA LYS B 40 -22.86 -7.39 -0.52
C LYS B 40 -23.78 -6.98 -1.67
N SER B 41 -23.95 -5.67 -1.82
CA SER B 41 -24.83 -5.14 -2.87
C SER B 41 -24.29 -5.46 -4.26
N PRO B 42 -25.20 -5.57 -5.25
CA PRO B 42 -24.71 -5.72 -6.61
C PRO B 42 -23.82 -4.54 -7.03
N LEU B 43 -24.08 -3.36 -6.49
CA LEU B 43 -23.32 -2.18 -6.88
C LEU B 43 -21.90 -2.33 -6.38
N LEU B 44 -21.76 -2.84 -5.17
CA LEU B 44 -20.42 -3.06 -4.61
C LEU B 44 -19.63 -4.06 -5.44
N LEU B 45 -20.28 -5.14 -5.84
CA LEU B 45 -19.60 -6.15 -6.63
C LEU B 45 -19.24 -5.61 -8.01
N GLN B 46 -20.11 -4.79 -8.58
CA GLN B 46 -19.84 -4.16 -9.87
C GLN B 46 -18.69 -3.15 -9.82
N MET B 47 -18.59 -2.38 -8.73
CA MET B 47 -17.62 -1.28 -8.67
C MET B 47 -16.25 -1.71 -8.16
N ASN B 48 -16.22 -2.76 -7.34
CA ASN B 48 -14.94 -3.28 -6.84
C ASN B 48 -14.85 -4.78 -7.16
N PRO B 49 -14.79 -5.12 -8.46
CA PRO B 49 -14.77 -6.54 -8.83
C PRO B 49 -13.49 -7.25 -8.40
N ILE B 50 -12.39 -6.52 -8.25
CA ILE B 50 -11.13 -7.16 -7.93
C ILE B 50 -11.08 -7.58 -6.45
N HIS B 51 -11.43 -6.70 -5.53
CA HIS B 51 -11.32 -6.98 -4.10
C HIS B 51 -12.66 -7.24 -3.41
N LYS B 52 -13.72 -6.67 -3.96
CA LYS B 52 -15.07 -6.82 -3.41
C LYS B 52 -15.17 -6.38 -1.96
N LYS B 53 -14.47 -5.31 -1.61
CA LYS B 53 -14.49 -4.82 -0.25
C LYS B 53 -14.89 -3.36 -0.19
N ILE B 54 -15.40 -2.93 0.97
CA ILE B 54 -15.61 -1.50 1.23
C ILE B 54 -14.31 -0.92 1.79
N PRO B 55 -14.14 0.42 1.75
CA PRO B 55 -15.01 1.43 1.15
C PRO B 55 -14.84 1.55 -0.35
N VAL B 56 -15.93 1.90 -1.03
CA VAL B 56 -15.86 2.21 -2.43
C VAL B 56 -16.41 3.60 -2.67
N LEU B 57 -15.61 4.43 -3.30
CA LEU B 57 -16.02 5.80 -3.63
C LEU B 57 -16.43 5.84 -5.09
N ILE B 58 -17.65 6.28 -5.34
CA ILE B 58 -18.16 6.39 -6.70
C ILE B 58 -18.39 7.85 -7.05
N HIS B 59 -17.68 8.32 -8.06
CA HIS B 59 -17.75 9.72 -8.44
C HIS B 59 -18.19 9.81 -9.89
N GLU B 60 -19.38 10.36 -10.10
CA GLU B 60 -19.97 10.42 -11.44
C GLU B 60 -19.99 9.03 -12.09
N GLY B 61 -20.34 8.02 -11.31
CA GLY B 61 -20.50 6.67 -11.84
C GLY B 61 -19.23 5.86 -11.99
N LYS B 62 -18.11 6.46 -11.60
CA LYS B 62 -16.80 5.81 -11.71
C LYS B 62 -16.22 5.45 -10.34
N PRO B 63 -15.77 4.19 -10.18
CA PRO B 63 -15.25 3.73 -8.89
C PRO B 63 -13.81 4.15 -8.57
N ILE B 64 -13.57 4.51 -7.32
CA ILE B 64 -12.21 4.64 -6.81
C ILE B 64 -12.11 3.72 -5.59
N CYS B 65 -11.19 2.76 -5.65
CA CYS B 65 -11.04 1.79 -4.57
C CYS B 65 -9.76 2.01 -3.78
N GLU B 66 -9.75 1.49 -2.55
CA GLU B 66 -8.67 1.60 -1.56
C GLU B 66 -8.70 2.95 -0.87
N SER B 67 -8.81 2.93 0.46
CA SER B 67 -9.06 4.16 1.22
C SER B 67 -7.97 5.22 1.09
N ILE B 68 -6.68 4.86 1.11
CA ILE B 68 -5.67 5.92 1.01
C ILE B 68 -5.63 6.53 -0.40
N ILE B 69 -5.92 5.72 -1.41
CA ILE B 69 -6.03 6.22 -2.77
C ILE B 69 -7.27 7.15 -2.90
N GLN B 70 -8.35 6.80 -2.21
CA GLN B 70 -9.53 7.67 -2.19
C GLN B 70 -9.23 9.03 -1.57
N VAL B 71 -8.52 9.02 -0.44
CA VAL B 71 -8.18 10.26 0.22
C VAL B 71 -7.31 11.15 -0.67
N GLN B 72 -6.31 10.55 -1.34
CA GLN B 72 -5.48 11.33 -2.24
C GLN B 72 -6.27 11.87 -3.43
N TYR B 73 -7.17 11.05 -3.95
CA TYR B 73 -8.04 11.47 -5.05
C TYR B 73 -8.86 12.70 -4.65
N ILE B 74 -9.47 12.61 -3.47
CA ILE B 74 -10.28 13.70 -2.94
C ILE B 74 -9.42 14.96 -2.73
N ASP B 75 -8.21 14.79 -2.21
CA ASP B 75 -7.31 15.93 -2.02
C ASP B 75 -6.87 16.58 -3.35
N GLU B 76 -6.70 15.76 -4.38
CA GLU B 76 -6.31 16.27 -5.69
C GLU B 76 -7.45 16.95 -6.44
N LEU B 77 -8.69 16.54 -6.18
CA LEU B 77 -9.84 17.18 -6.81
C LEU B 77 -10.17 18.52 -6.18
N TRP B 78 -9.96 18.63 -4.87
CA TRP B 78 -10.24 19.87 -4.14
C TRP B 78 -9.04 20.27 -3.28
N PRO B 79 -7.94 20.66 -3.93
CA PRO B 79 -6.69 20.85 -3.19
C PRO B 79 -6.63 22.14 -2.35
N ASP B 80 -7.49 23.11 -2.65
CA ASP B 80 -7.42 24.42 -2.02
C ASP B 80 -8.33 24.56 -0.80
N THR B 81 -9.11 23.52 -0.53
CA THR B 81 -9.96 23.47 0.64
C THR B 81 -9.43 22.45 1.62
N ASN B 82 -8.96 22.89 2.78
CA ASN B 82 -8.34 22.01 3.76
C ASN B 82 -7.36 20.98 3.16
N PRO B 83 -6.24 21.47 2.58
CA PRO B 83 -5.24 20.58 1.98
C PRO B 83 -4.83 19.49 2.96
N ILE B 84 -4.82 18.25 2.48
CA ILE B 84 -4.55 17.09 3.32
C ILE B 84 -3.09 16.67 3.26
N LEU B 85 -2.58 16.50 2.04
CA LEU B 85 -1.18 16.16 1.84
C LEU B 85 -0.30 17.40 1.87
N PRO B 86 0.98 17.23 2.26
CA PRO B 86 1.93 18.35 2.25
C PRO B 86 2.21 18.82 0.83
N SER B 87 2.68 20.06 0.65
CA SER B 87 3.02 20.54 -0.69
C SER B 87 4.45 20.12 -1.10
N ASP B 88 5.31 19.89 -0.11
CA ASP B 88 6.69 19.47 -0.36
C ASP B 88 6.78 17.97 -0.66
N PRO B 89 7.41 17.61 -1.81
CA PRO B 89 7.52 16.20 -2.22
C PRO B 89 8.16 15.31 -1.15
N TYR B 90 9.22 15.75 -0.46
CA TYR B 90 9.79 14.87 0.56
C TYR B 90 8.81 14.60 1.70
N GLN B 91 8.16 15.66 2.17
N GLN B 91 8.16 15.65 2.19
CA GLN B 91 7.17 15.54 3.23
CA GLN B 91 7.19 15.48 3.26
C GLN B 91 6.00 14.67 2.79
C GLN B 91 6.01 14.64 2.78
N ARG B 92 5.64 14.78 1.52
CA ARG B 92 4.57 13.95 0.95
C ARG B 92 4.98 12.47 0.92
N ALA B 93 6.22 12.20 0.57
CA ALA B 93 6.71 10.83 0.59
C ALA B 93 6.66 10.25 2.01
N GLN B 94 7.02 11.07 3.01
CA GLN B 94 6.97 10.58 4.38
C GLN B 94 5.53 10.32 4.83
N ALA B 95 4.60 11.19 4.45
CA ALA B 95 3.19 10.96 4.76
C ALA B 95 2.73 9.64 4.15
N ARG B 96 3.05 9.42 2.88
CA ARG B 96 2.67 8.17 2.24
C ARG B 96 3.27 6.96 2.90
N PHE B 97 4.54 7.07 3.32
CA PHE B 97 5.19 5.99 4.00
C PHE B 97 4.44 5.56 5.25
N TRP B 98 4.07 6.53 6.10
CA TRP B 98 3.45 6.18 7.35
C TRP B 98 2.03 5.68 7.15
N ALA B 99 1.35 6.18 6.12
CA ALA B 99 0.02 5.65 5.81
C ALA B 99 0.14 4.19 5.33
N ASP B 100 1.14 3.93 4.48
CA ASP B 100 1.42 2.59 4.03
C ASP B 100 1.78 1.66 5.19
N TYR B 101 2.56 2.18 6.14
CA TYR B 101 2.93 1.41 7.32
C TYR B 101 1.70 0.93 8.09
N ILE B 102 0.78 1.86 8.34
CA ILE B 102 -0.43 1.56 9.10
C ILE B 102 -1.22 0.47 8.40
N ASP B 103 -1.43 0.63 7.09
CA ASP B 103 -2.18 -0.36 6.30
C ASP B 103 -1.55 -1.74 6.39
N LYS B 104 -0.24 -1.80 6.18
CA LYS B 104 0.46 -3.08 6.12
C LYS B 104 0.42 -3.81 7.46
N LYS B 105 0.56 -3.05 8.53
CA LYS B 105 0.69 -3.67 9.83
C LYS B 105 -0.67 -3.94 10.48
N THR B 106 -1.73 -3.29 10.00
CA THR B 106 -3.03 -3.48 10.66
C THR B 106 -4.13 -4.21 9.88
N TYR B 107 -4.20 -4.03 8.56
CA TYR B 107 -5.41 -4.44 7.84
C TYR B 107 -5.70 -5.92 7.97
N VAL B 108 -4.67 -6.72 7.78
CA VAL B 108 -4.81 -8.15 7.94
C VAL B 108 -4.38 -8.59 9.33
N PRO B 109 -3.13 -8.26 9.74
CA PRO B 109 -2.69 -8.88 11.00
C PRO B 109 -3.40 -8.40 12.27
N CYS B 110 -4.33 -7.45 12.16
CA CYS B 110 -5.02 -6.95 13.35
C CYS B 110 -6.53 -7.20 13.45
N LYS B 111 -7.16 -7.67 12.37
CA LYS B 111 -8.57 -8.11 12.43
C LYS B 111 -8.73 -9.20 13.49
N ALA B 112 -7.67 -9.99 13.66
CA ALA B 112 -7.64 -11.07 14.64
C ALA B 112 -7.78 -10.56 16.07
N LEU B 113 -7.50 -9.27 16.28
CA LEU B 113 -7.62 -8.70 17.63
C LEU B 113 -9.01 -8.90 18.21
N TRP B 114 -10.02 -8.77 17.38
CA TRP B 114 -11.40 -8.88 17.86
C TRP B 114 -12.14 -10.10 17.30
N SER B 115 -11.69 -10.61 16.16
CA SER B 115 -12.44 -11.68 15.50
C SER B 115 -11.97 -13.07 15.91
N GLU B 116 -10.84 -13.13 16.63
CA GLU B 116 -10.29 -14.39 17.07
C GLU B 116 -10.03 -14.43 18.57
N SER B 117 -9.75 -15.64 19.05
CA SER B 117 -9.20 -15.86 20.37
C SER B 117 -7.93 -16.69 20.15
N GLY B 118 -7.39 -17.27 21.21
CA GLY B 118 -6.23 -18.15 21.11
C GLY B 118 -5.02 -17.53 20.44
N GLU B 119 -4.22 -18.36 19.77
CA GLU B 119 -2.92 -17.94 19.27
C GLU B 119 -2.98 -16.83 18.21
N LYS B 120 -3.97 -16.84 17.35
CA LYS B 120 -4.12 -15.80 16.35
C LYS B 120 -4.29 -14.44 17.03
N GLN B 121 -5.10 -14.39 18.08
CA GLN B 121 -5.32 -13.14 18.78
C GLN B 121 -4.08 -12.69 19.49
N GLU B 122 -3.38 -13.64 20.07
CA GLU B 122 -2.15 -13.31 20.78
C GLU B 122 -1.10 -12.68 19.84
N ALA B 123 -0.96 -13.23 18.65
CA ALA B 123 -0.04 -12.68 17.65
C ALA B 123 -0.44 -11.25 17.25
N ALA B 124 -1.74 -11.01 17.13
CA ALA B 124 -2.27 -9.72 16.75
C ALA B 124 -2.01 -8.67 17.82
N LYS B 125 -2.08 -9.09 19.08
CA LYS B 125 -1.81 -8.20 20.21
C LYS B 125 -0.37 -7.69 20.16
N ILE B 126 0.56 -8.61 19.94
CA ILE B 126 1.97 -8.25 19.82
C ILE B 126 2.16 -7.27 18.66
N GLU B 127 1.53 -7.55 17.53
CA GLU B 127 1.66 -6.69 16.36
C GLU B 127 1.07 -5.30 16.59
N PHE B 128 -0.10 -5.22 17.22
CA PHE B 128 -0.71 -3.92 17.35
C PHE B 128 0.02 -3.06 18.39
N ILE B 129 0.55 -3.69 19.43
CA ILE B 129 1.31 -2.94 20.44
C ILE B 129 2.55 -2.35 19.78
N GLU B 130 3.16 -3.12 18.88
CA GLU B 130 4.30 -2.60 18.13
C GLU B 130 3.91 -1.41 17.24
N VAL B 131 2.75 -1.49 16.58
CA VAL B 131 2.25 -0.36 15.81
C VAL B 131 2.07 0.87 16.71
N LEU B 132 1.44 0.71 17.86
CA LEU B 132 1.24 1.84 18.79
C LEU B 132 2.56 2.47 19.24
N LYS B 133 3.53 1.65 19.62
CA LYS B 133 4.83 2.17 20.03
C LYS B 133 5.53 2.91 18.89
N THR B 134 5.42 2.38 17.69
CA THR B 134 6.10 2.97 16.55
C THR B 134 5.49 4.32 16.20
N LEU B 135 4.16 4.40 16.18
CA LEU B 135 3.49 5.65 15.88
C LEU B 135 3.66 6.68 16.98
N ASP B 136 3.67 6.19 18.22
CA ASP B 136 3.91 7.05 19.38
C ASP B 136 5.28 7.71 19.24
N SER B 137 6.27 6.94 18.79
CA SER B 137 7.61 7.48 18.61
CA SER B 137 7.61 7.48 18.61
C SER B 137 7.66 8.45 17.44
N GLU B 138 6.92 8.14 16.38
CA GLU B 138 6.88 8.96 15.17
C GLU B 138 6.20 10.30 15.44
N LEU B 139 5.09 10.27 16.19
CA LEU B 139 4.42 11.50 16.59
C LEU B 139 5.34 12.40 17.42
N GLY B 140 6.09 11.80 18.34
CA GLY B 140 6.98 12.56 19.18
C GLY B 140 6.22 13.59 19.97
N ASP B 141 6.72 14.82 19.99
CA ASP B 141 6.06 15.91 20.71
C ASP B 141 5.27 16.83 19.79
N LYS B 142 4.98 16.38 18.58
CA LYS B 142 4.25 17.20 17.63
C LYS B 142 2.75 17.14 17.93
N TYR B 143 2.00 18.15 17.48
CA TYR B 143 0.55 18.17 17.66
C TYR B 143 -0.15 17.14 16.81
N TYR B 144 0.39 16.94 15.62
CA TYR B 144 -0.18 16.00 14.64
C TYR B 144 0.93 15.20 14.00
N PHE B 145 0.58 14.06 13.40
CA PHE B 145 1.57 13.36 12.61
C PHE B 145 2.03 14.28 11.48
N GLY B 146 1.13 15.13 11.00
CA GLY B 146 1.45 16.11 9.98
C GLY B 146 2.21 17.33 10.48
N GLY B 147 2.67 17.27 11.72
CA GLY B 147 3.39 18.39 12.30
C GLY B 147 2.42 19.32 13.02
N ASN B 148 2.35 20.56 12.58
CA ASN B 148 1.51 21.55 13.23
C ASN B 148 0.05 21.52 12.77
N GLU B 149 -0.21 20.83 11.68
CA GLU B 149 -1.56 20.73 11.13
C GLU B 149 -1.99 19.29 10.85
N PHE B 150 -3.28 19.04 11.02
CA PHE B 150 -3.93 17.77 10.69
C PHE B 150 -3.66 17.36 9.23
N GLY B 151 -3.17 16.14 9.01
CA GLY B 151 -2.85 15.67 7.67
C GLY B 151 -3.16 14.21 7.33
N LEU B 152 -2.52 13.72 6.26
CA LEU B 152 -2.81 12.39 5.75
C LEU B 152 -2.66 11.30 6.81
N VAL B 153 -1.56 11.33 7.57
CA VAL B 153 -1.31 10.23 8.49
C VAL B 153 -2.30 10.28 9.66
N ASP B 154 -2.68 11.48 10.08
CA ASP B 154 -3.71 11.67 11.09
C ASP B 154 -5.01 11.02 10.64
N ILE B 155 -5.42 11.31 9.40
CA ILE B 155 -6.61 10.69 8.83
C ILE B 155 -6.46 9.16 8.77
N ALA B 156 -5.26 8.70 8.43
CA ALA B 156 -5.01 7.27 8.28
C ALA B 156 -5.17 6.50 9.60
N PHE B 157 -4.92 7.14 10.74
CA PHE B 157 -4.96 6.41 12.01
C PHE B 157 -6.13 6.78 12.97
N ILE B 158 -6.76 7.94 12.79
CA ILE B 158 -7.67 8.44 13.83
C ILE B 158 -8.89 7.53 14.00
N GLY B 159 -9.33 6.89 12.92
CA GLY B 159 -10.43 5.94 13.05
C GLY B 159 -10.19 4.82 14.05
N PHE B 160 -8.94 4.43 14.26
CA PHE B 160 -8.62 3.38 15.24
C PHE B 160 -8.99 3.77 16.67
N TYR B 161 -9.04 5.08 16.92
CA TYR B 161 -9.43 5.58 18.22
C TYR B 161 -10.79 5.03 18.66
N SER B 162 -11.71 4.89 17.70
CA SER B 162 -13.03 4.42 18.04
CA SER B 162 -13.04 4.40 17.99
C SER B 162 -13.03 2.94 18.45
N TRP B 163 -11.92 2.25 18.18
CA TRP B 163 -11.74 0.85 18.55
C TRP B 163 -10.84 0.60 19.77
N PHE B 164 -10.20 1.64 20.31
CA PHE B 164 -9.30 1.43 21.45
C PHE B 164 -9.96 0.75 22.67
N ARG B 165 -11.16 1.19 23.05
CA ARG B 165 -11.83 0.59 24.20
C ARG B 165 -12.15 -0.88 23.93
N THR B 166 -12.52 -1.17 22.69
CA THR B 166 -12.79 -2.55 22.29
C THR B 166 -11.54 -3.41 22.44
N TYR B 167 -10.42 -2.94 21.89
CA TYR B 167 -9.18 -3.69 21.99
C TYR B 167 -8.78 -3.94 23.45
N GLU B 168 -8.96 -2.94 24.30
CA GLU B 168 -8.67 -3.13 25.72
C GLU B 168 -9.52 -4.23 26.36
N GLU B 169 -10.81 -4.24 26.03
CA GLU B 169 -11.71 -5.18 26.67
C GLU B 169 -11.69 -6.59 26.09
N VAL B 170 -11.63 -6.72 24.77
CA VAL B 170 -11.70 -8.05 24.16
C VAL B 170 -10.33 -8.68 23.95
N ALA B 171 -9.28 -7.87 23.96
CA ALA B 171 -7.93 -8.40 23.72
C ALA B 171 -7.00 -8.16 24.91
N ASN B 172 -7.55 -7.65 26.01
CA ASN B 172 -6.76 -7.40 27.23
C ASN B 172 -5.53 -6.54 26.95
N LEU B 173 -5.70 -5.52 26.13
CA LEU B 173 -4.60 -4.59 25.84
C LEU B 173 -4.71 -3.41 26.77
N SER B 174 -3.59 -2.77 27.05
CA SER B 174 -3.63 -1.50 27.76
C SER B 174 -3.15 -0.42 26.79
N ILE B 175 -4.07 0.44 26.39
CA ILE B 175 -3.77 1.46 25.39
C ILE B 175 -3.91 2.87 25.97
N VAL B 176 -5.08 3.14 26.54
CA VAL B 176 -5.43 4.48 27.00
C VAL B 176 -4.43 4.99 28.05
N LEU B 177 -4.12 4.14 29.02
CA LEU B 177 -3.20 4.55 30.08
C LEU B 177 -1.74 4.47 29.65
N GLU B 178 -1.43 3.69 28.60
CA GLU B 178 -0.04 3.46 28.22
C GLU B 178 0.51 4.42 27.18
N PHE B 179 -0.38 5.02 26.38
CA PHE B 179 0.05 5.93 25.33
C PHE B 179 -0.65 7.30 25.46
N PRO B 180 -0.34 8.01 26.55
CA PRO B 180 -1.00 9.30 26.78
C PRO B 180 -0.82 10.30 25.63
N LYS B 181 0.33 10.28 24.96
CA LYS B 181 0.56 11.20 23.84
C LYS B 181 -0.38 10.92 22.69
N LEU B 182 -0.65 9.63 22.45
CA LEU B 182 -1.57 9.25 21.39
C LEU B 182 -3.00 9.62 21.78
N MET B 183 -3.33 9.45 23.06
CA MET B 183 -4.67 9.82 23.51
C MET B 183 -4.90 11.32 23.34
N ALA B 184 -3.89 12.13 23.69
CA ALA B 184 -3.97 13.58 23.54
C ALA B 184 -4.10 14.00 22.08
N TRP B 185 -3.37 13.29 21.23
CA TRP B 185 -3.47 13.51 19.80
C TRP B 185 -4.89 13.22 19.30
N ALA B 186 -5.46 12.10 19.73
CA ALA B 186 -6.82 11.75 19.28
C ALA B 186 -7.85 12.80 19.73
N GLN B 187 -7.71 13.29 20.96
CA GLN B 187 -8.62 14.30 21.47
C GLN B 187 -8.54 15.58 20.64
N ARG B 188 -7.34 15.91 20.19
CA ARG B 188 -7.09 17.02 19.27
C ARG B 188 -7.89 16.86 17.97
N CYS B 189 -7.74 15.68 17.36
CA CYS B 189 -8.39 15.38 16.09
C CYS B 189 -9.90 15.35 16.22
N LEU B 190 -10.37 14.87 17.36
CA LEU B 190 -11.81 14.72 17.59
C LEU B 190 -12.58 16.04 17.58
N LYS B 191 -11.88 17.16 17.73
CA LYS B 191 -12.53 18.45 17.74
C LYS B 191 -12.94 18.91 16.34
N ARG B 192 -12.34 18.29 15.31
CA ARG B 192 -12.70 18.59 13.93
C ARG B 192 -14.05 17.96 13.62
N GLU B 193 -14.93 18.73 12.98
CA GLU B 193 -16.26 18.24 12.64
C GLU B 193 -16.20 17.00 11.73
N SER B 194 -15.23 16.98 10.82
CA SER B 194 -15.08 15.84 9.93
C SER B 194 -14.84 14.54 10.71
N VAL B 195 -13.95 14.61 11.70
CA VAL B 195 -13.62 13.45 12.51
C VAL B 195 -14.78 13.06 13.44
N ALA B 196 -15.37 14.06 14.10
CA ALA B 196 -16.50 13.81 15.00
C ALA B 196 -17.66 13.16 14.26
N LYS B 197 -17.89 13.58 13.02
CA LYS B 197 -18.95 13.01 12.20
C LYS B 197 -18.65 11.56 11.78
N ALA B 198 -17.37 11.27 11.55
CA ALA B 198 -16.99 9.98 10.94
C ALA B 198 -16.86 8.84 11.94
N LEU B 199 -16.37 9.15 13.14
CA LEU B 199 -16.05 8.13 14.13
C LEU B 199 -17.28 7.76 14.93
N PRO B 200 -17.60 6.46 14.99
CA PRO B 200 -18.71 5.99 15.81
C PRO B 200 -18.36 6.04 17.29
N ASP B 201 -19.37 6.06 18.14
CA ASP B 201 -19.12 6.03 19.58
C ASP B 201 -18.39 4.73 19.94
N SER B 202 -17.38 4.86 20.79
CA SER B 202 -16.56 3.73 21.21
CA SER B 202 -16.56 3.74 21.20
C SER B 202 -17.38 2.62 21.88
N ASP B 203 -18.42 3.01 22.62
CA ASP B 203 -19.28 2.01 23.29
C ASP B 203 -20.10 1.21 22.27
N LYS B 204 -20.50 1.87 21.20
CA LYS B 204 -21.21 1.18 20.12
C LYS B 204 -20.34 0.13 19.45
N VAL B 205 -19.09 0.47 19.19
CA VAL B 205 -18.18 -0.49 18.59
C VAL B 205 -17.98 -1.68 19.54
N LEU B 206 -17.78 -1.36 20.81
CA LEU B 206 -17.58 -2.40 21.81
C LEU B 206 -18.79 -3.34 21.92
N LYS B 207 -20.00 -2.78 21.93
CA LYS B 207 -21.18 -3.62 22.04
C LYS B 207 -21.30 -4.55 20.84
N SER B 208 -21.06 -4.01 19.65
CA SER B 208 -21.17 -4.80 18.42
C SER B 208 -20.15 -5.93 18.41
N VAL B 209 -18.91 -5.62 18.77
CA VAL B 209 -17.87 -6.63 18.77
C VAL B 209 -18.09 -7.70 19.85
N SER B 210 -18.52 -7.26 21.03
CA SER B 210 -18.84 -8.20 22.10
C SER B 210 -19.92 -9.19 21.67
N ASP B 211 -20.97 -8.66 21.05
CA ASP B 211 -22.06 -9.49 20.56
C ASP B 211 -21.54 -10.50 19.55
N HIS B 212 -20.69 -10.04 18.64
CA HIS B 212 -20.11 -10.93 17.63
C HIS B 212 -19.32 -12.05 18.30
N ARG B 213 -18.49 -11.69 19.28
CA ARG B 213 -17.66 -12.68 19.96
C ARG B 213 -18.51 -13.70 20.74
N LYS B 214 -19.58 -13.23 21.35
CA LYS B 214 -20.47 -14.12 22.08
C LYS B 214 -21.16 -15.09 21.12
N ILE B 215 -21.69 -14.56 20.02
CA ILE B 215 -22.46 -15.37 19.08
C ILE B 215 -21.58 -16.27 18.21
N ILE B 216 -20.51 -15.72 17.65
CA ILE B 216 -19.66 -16.44 16.70
C ILE B 216 -18.57 -17.27 17.38
N LEU B 217 -17.96 -16.73 18.43
CA LEU B 217 -16.87 -17.42 19.09
C LEU B 217 -17.30 -18.14 20.36
N GLY B 218 -18.52 -17.86 20.83
CA GLY B 218 -19.01 -18.45 22.06
C GLY B 218 -18.27 -17.89 23.26
N ILE B 219 -17.71 -16.69 23.10
CA ILE B 219 -16.96 -16.04 24.16
C ILE B 219 -17.70 -14.84 24.73
MG MG C . 1.44 8.57 -18.75
C1 GOL D . 10.74 6.70 7.62
O1 GOL D . 11.87 7.37 7.11
C2 GOL D . 11.19 5.44 8.35
O2 GOL D . 12.05 5.80 9.40
C3 GOL D . 11.90 4.51 7.37
O3 GOL D . 12.12 3.23 7.95
MG MG E . -0.66 20.10 6.32
C1 GOL F . -11.63 -2.24 -8.81
O1 GOL F . -11.81 -3.53 -8.26
C2 GOL F . -10.83 -2.35 -10.10
O2 GOL F . -11.67 -2.75 -11.14
C3 GOL F . -10.17 -1.02 -10.45
O3 GOL F . -11.12 0.01 -10.59
C1 GOL G . 0.16 15.53 5.87
O1 GOL G . -0.42 14.91 4.75
C2 GOL G . 1.11 14.55 6.54
O2 GOL G . 2.17 15.27 7.11
C3 GOL G . 0.34 13.73 7.57
O3 GOL G . 1.20 13.22 8.54
#